data_1MFJ
#
_entry.id   1MFJ
#
_cell.length_a   1.000
_cell.length_b   1.000
_cell.length_c   1.000
_cell.angle_alpha   90.00
_cell.angle_beta   90.00
_cell.angle_gamma   90.00
#
_symmetry.space_group_name_H-M   'P 1'
#
_entity_poly.entity_id   1
_entity_poly.type   'polyribonucleotide'
_entity_poly.pdbx_seq_one_letter_code
;GACAGUCUCUACGGAGACUG
;
_entity_poly.pdbx_strand_id   A
#
loop_
_chem_comp.id
_chem_comp.type
_chem_comp.name
_chem_comp.formula
A RNA linking ADENOSINE-5'-MONOPHOSPHATE 'C10 H14 N5 O7 P'
C RNA linking CYTIDINE-5'-MONOPHOSPHATE 'C9 H14 N3 O8 P'
G RNA linking GUANOSINE-5'-MONOPHOSPHATE 'C10 H14 N5 O8 P'
U RNA linking URIDINE-5'-MONOPHOSPHATE 'C9 H13 N2 O9 P'
#